data_5NOB
#
_entry.id   5NOB
#
_cell.length_a   40.580
_cell.length_b   75.520
_cell.length_c   148.120
_cell.angle_alpha   90.00
_cell.angle_beta   90.00
_cell.angle_gamma   90.00
#
_symmetry.space_group_name_H-M   'P 21 21 21'
#
loop_
_entity.id
_entity.type
_entity.pdbx_description
1 polymer Tankyrase-2
2 non-polymer 1-[3-[4-(2-chlorophenyl)-5-pyrimidin-4-yl-1,2,4-triazol-3-yl]cyclobutyl]-2-oxidanylidene-3~{H}-benzimidazole-5-carbonitrile
3 non-polymer 'ZINC ION'
4 water water
#
_entity_poly.entity_id   1
_entity_poly.type   'polypeptide(L)'
_entity_poly.pdbx_seq_one_letter_code
;MHHHHHHSSGVDLGTENLYFQSMLNTSGSGTILIDLSPDDKEFQSVEEEMQSTVREHRDGGHAGGIFNRYNILKIQKVCN
KKLWERYTHRRKEVSEENHNHANERMLFHGSPFVNAIIHKGFDERHAYIGGMFGAGIYFAENSSKSNQYVYGIGGGTGCP
VHKDRSCYICHRQLLFCRVTLGKSFLQFSAMKMAHSPPGHHSVTGRPSVNGLALAEYVIYRGEQAYPEYLITYQIMRPEG
;
_entity_poly.pdbx_strand_id   A,B
#
# COMPACT_ATOMS: atom_id res chain seq x y z
N GLY A 30 32.18 12.23 -1.77
CA GLY A 30 32.25 12.10 -0.29
C GLY A 30 31.73 10.77 0.24
N THR A 31 31.76 9.73 -0.59
CA THR A 31 31.34 8.40 -0.14
C THR A 31 32.49 7.67 0.54
N ILE A 32 32.24 7.09 1.70
CA ILE A 32 33.18 6.17 2.32
C ILE A 32 32.57 4.77 2.31
N LEU A 33 33.35 3.76 1.93
CA LEU A 33 32.89 2.37 2.02
C LEU A 33 33.58 1.65 3.17
N ILE A 34 32.79 1.06 4.07
CA ILE A 34 33.32 0.29 5.19
C ILE A 34 33.09 -1.20 4.97
N ASP A 35 34.19 -1.93 4.78
CA ASP A 35 34.17 -3.37 4.56
C ASP A 35 33.80 -4.10 5.85
N LEU A 36 32.70 -4.84 5.84
CA LEU A 36 32.23 -5.49 7.05
C LEU A 36 32.78 -6.90 7.10
N SER A 37 33.19 -7.33 8.30
CA SER A 37 33.70 -8.67 8.55
C SER A 37 32.59 -9.73 8.53
N PRO A 38 32.88 -10.95 8.01
CA PRO A 38 31.87 -12.03 8.06
C PRO A 38 31.39 -12.39 9.49
N ASP A 39 32.18 -12.01 10.50
CA ASP A 39 31.82 -12.19 11.92
C ASP A 39 30.86 -11.14 12.45
N ASP A 40 30.72 -10.04 11.71
CA ASP A 40 29.89 -8.91 12.09
C ASP A 40 28.41 -9.26 11.98
N LYS A 41 27.64 -8.94 13.02
CA LYS A 41 26.20 -9.20 13.02
C LYS A 41 25.49 -8.43 11.91
N GLU A 42 26.03 -7.26 11.58
CA GLU A 42 25.54 -6.45 10.47
C GLU A 42 25.74 -7.17 9.13
N PHE A 43 26.95 -7.69 8.92
CA PHE A 43 27.26 -8.52 7.74
C PHE A 43 26.28 -9.67 7.66
N GLN A 44 26.09 -10.36 8.78
CA GLN A 44 25.29 -11.59 8.82
C GLN A 44 23.83 -11.33 8.55
N SER A 45 23.34 -10.23 9.11
CA SER A 45 21.96 -9.82 8.91
C SER A 45 21.66 -9.51 7.42
N VAL A 46 22.56 -8.79 6.75
CA VAL A 46 22.38 -8.46 5.33
C VAL A 46 22.56 -9.74 4.49
N GLU A 47 23.55 -10.53 4.86
CA GLU A 47 23.78 -11.85 4.23
C GLU A 47 22.54 -12.74 4.28
N GLU A 48 21.94 -12.86 5.46
CA GLU A 48 20.74 -13.68 5.65
C GLU A 48 19.57 -13.16 4.79
N GLU A 49 19.40 -11.84 4.76
CA GLU A 49 18.36 -11.22 3.96
C GLU A 49 18.54 -11.56 2.47
N MET A 50 19.76 -11.46 2.00
CA MET A 50 20.09 -11.84 0.65
C MET A 50 19.74 -13.32 0.33
N GLN A 51 20.27 -14.26 1.12
CA GLN A 51 20.01 -15.69 0.90
C GLN A 51 18.54 -16.07 1.06
N SER A 52 17.90 -15.58 2.12
CA SER A 52 16.55 -16.05 2.47
C SER A 52 15.43 -15.52 1.57
N THR A 53 15.72 -14.50 0.77
CA THR A 53 14.70 -13.90 -0.10
C THR A 53 14.79 -14.36 -1.55
N VAL A 54 15.72 -15.27 -1.83
CA VAL A 54 15.82 -15.88 -3.15
C VAL A 54 14.55 -16.64 -3.46
N ARG A 55 14.11 -16.57 -4.70
CA ARG A 55 12.93 -17.24 -5.13
C ARG A 55 13.15 -17.91 -6.49
N GLU A 56 12.31 -18.85 -6.83
CA GLU A 56 12.40 -19.53 -8.10
C GLU A 56 11.57 -18.73 -9.06
N HIS A 57 12.20 -18.14 -10.04
CA HIS A 57 11.54 -17.28 -10.98
C HIS A 57 10.78 -17.91 -12.11
N ARG A 58 9.78 -17.20 -12.55
CA ARG A 58 8.93 -17.61 -13.63
C ARG A 58 9.68 -17.91 -14.92
N ASP A 59 10.69 -17.10 -15.20
CA ASP A 59 11.48 -17.21 -16.40
C ASP A 59 12.47 -18.34 -16.42
N GLY A 60 12.40 -19.17 -15.42
CA GLY A 60 13.30 -20.29 -15.32
C GLY A 60 14.79 -19.94 -15.32
N GLY A 61 15.09 -18.75 -14.90
CA GLY A 61 16.48 -18.27 -14.81
C GLY A 61 16.98 -17.52 -16.03
N HIS A 62 16.08 -17.27 -16.98
CA HIS A 62 16.46 -16.61 -18.22
C HIS A 62 17.16 -15.28 -18.00
N ALA A 63 16.60 -14.44 -17.13
CA ALA A 63 17.14 -13.09 -16.95
C ALA A 63 18.35 -13.05 -15.99
N GLY A 64 18.25 -13.69 -14.84
CA GLY A 64 19.32 -13.59 -13.82
C GLY A 64 20.19 -14.81 -13.57
N GLY A 65 19.88 -15.93 -14.24
CA GLY A 65 20.64 -17.19 -14.06
C GLY A 65 19.93 -18.23 -13.22
N ILE A 66 20.50 -19.43 -13.16
CA ILE A 66 19.93 -20.59 -12.42
C ILE A 66 20.71 -20.77 -11.13
N PHE A 67 20.03 -20.69 -10.00
CA PHE A 67 20.66 -20.75 -8.69
C PHE A 67 19.59 -20.79 -7.62
N ASN A 68 19.92 -21.27 -6.43
CA ASN A 68 19.02 -21.06 -5.31
C ASN A 68 19.74 -20.45 -4.12
N ARG A 69 21.00 -20.10 -4.31
CA ARG A 69 21.80 -19.48 -3.25
CA ARG A 69 21.89 -19.57 -3.25
C ARG A 69 22.93 -18.66 -3.89
N TYR A 70 23.55 -17.79 -3.09
CA TYR A 70 24.68 -16.98 -3.52
C TYR A 70 25.96 -17.38 -2.79
N ASN A 71 27.10 -17.08 -3.42
CA ASN A 71 28.39 -16.98 -2.72
C ASN A 71 28.56 -15.50 -2.39
N ILE A 72 28.36 -15.12 -1.13
CA ILE A 72 28.48 -13.72 -0.72
C ILE A 72 29.93 -13.44 -0.42
N LEU A 73 30.51 -12.48 -1.15
CA LEU A 73 31.95 -12.26 -1.10
C LEU A 73 32.33 -11.08 -0.24
N LYS A 74 31.53 -10.01 -0.32
CA LYS A 74 31.91 -8.76 0.33
C LYS A 74 30.65 -7.94 0.64
N ILE A 75 30.59 -7.38 1.85
CA ILE A 75 29.51 -6.45 2.20
C ILE A 75 30.14 -5.18 2.76
N GLN A 76 29.85 -4.08 2.07
CA GLN A 76 30.43 -2.80 2.41
C GLN A 76 29.32 -1.83 2.80
N LYS A 77 29.45 -1.23 3.98
CA LYS A 77 28.56 -0.15 4.38
C LYS A 77 28.90 1.08 3.55
N VAL A 78 27.88 1.76 3.02
CA VAL A 78 28.04 2.96 2.20
C VAL A 78 27.71 4.19 3.05
N CYS A 79 28.69 5.06 3.20
CA CYS A 79 28.56 6.23 4.08
CA CYS A 79 28.56 6.23 4.08
C CYS A 79 28.81 7.54 3.32
N ASN A 80 27.77 8.34 3.19
CA ASN A 80 27.82 9.61 2.48
C ASN A 80 26.85 10.56 3.15
N LYS A 81 27.40 11.52 3.86
CA LYS A 81 26.63 12.46 4.67
C LYS A 81 25.61 13.25 3.83
N LYS A 82 26.05 13.77 2.68
CA LYS A 82 25.20 14.57 1.81
C LYS A 82 24.00 13.78 1.28
N LEU A 83 24.24 12.53 0.88
CA LEU A 83 23.18 11.68 0.37
C LEU A 83 22.21 11.33 1.49
N TRP A 84 22.74 11.15 2.69
CA TRP A 84 21.89 10.90 3.85
C TRP A 84 21.01 12.10 4.16
N GLU A 85 21.58 13.30 4.18
CA GLU A 85 20.80 14.51 4.43
C GLU A 85 19.71 14.70 3.36
N ARG A 86 20.08 14.50 2.11
CA ARG A 86 19.13 14.50 1.01
C ARG A 86 17.97 13.55 1.33
N TYR A 87 18.31 12.34 1.78
CA TYR A 87 17.32 11.31 2.08
C TYR A 87 16.37 11.69 3.23
N THR A 88 16.92 12.13 4.36
CA THR A 88 16.10 12.49 5.52
C THR A 88 15.25 13.73 5.27
N HIS A 89 15.77 14.65 4.46
CA HIS A 89 15.02 15.85 4.15
C HIS A 89 13.74 15.51 3.36
N ARG A 90 13.87 14.59 2.41
CA ARG A 90 12.73 14.14 1.62
C ARG A 90 11.79 13.29 2.49
N ARG A 91 12.38 12.49 3.38
CA ARG A 91 11.60 11.59 4.23
C ARG A 91 10.61 12.35 5.13
N LYS A 92 11.04 13.51 5.64
CA LYS A 92 10.19 14.40 6.43
C LYS A 92 8.93 14.85 5.67
N GLU A 93 9.10 15.34 4.44
CA GLU A 93 7.98 15.76 3.58
C GLU A 93 7.02 14.61 3.30
N VAL A 94 7.59 13.44 2.97
CA VAL A 94 6.77 12.28 2.63
C VAL A 94 5.92 11.89 3.84
N SER A 95 6.56 11.79 5.00
CA SER A 95 5.89 11.45 6.24
C SER A 95 4.68 12.35 6.54
N GLU A 96 4.84 13.66 6.32
CA GLU A 96 3.76 14.64 6.53
C GLU A 96 2.55 14.34 5.67
N GLU A 97 2.77 13.70 4.52
CA GLU A 97 1.70 13.45 3.56
C GLU A 97 1.21 12.02 3.64
N ASN A 98 1.66 11.28 4.65
CA ASN A 98 1.31 9.89 4.76
C ASN A 98 1.03 9.51 6.21
N HIS A 99 0.30 10.40 6.89
CA HIS A 99 -0.16 10.20 8.27
C HIS A 99 1.01 10.01 9.21
N ASN A 100 2.02 10.86 9.07
CA ASN A 100 3.25 10.86 9.86
C ASN A 100 3.98 9.52 9.81
N HIS A 101 4.03 8.90 8.67
CA HIS A 101 4.76 7.64 8.55
C HIS A 101 5.41 7.61 7.19
N ALA A 102 6.72 7.42 7.19
CA ALA A 102 7.51 7.38 5.94
C ALA A 102 7.27 6.13 5.10
N ASN A 103 6.74 5.08 5.71
CA ASN A 103 6.64 3.76 5.09
C ASN A 103 8.00 3.34 4.50
N GLU A 104 9.01 3.36 5.36
CA GLU A 104 10.37 3.04 4.99
C GLU A 104 10.60 1.53 4.96
N ARG A 105 11.36 1.06 3.97
CA ARG A 105 11.62 -0.37 3.79
C ARG A 105 13.08 -0.55 3.42
N MET A 106 13.64 -1.70 3.76
CA MET A 106 14.96 -2.09 3.28
C MET A 106 14.72 -2.95 2.05
N LEU A 107 15.23 -2.53 0.89
CA LEU A 107 14.97 -3.20 -0.38
C LEU A 107 16.21 -3.32 -1.24
N PHE A 108 16.22 -4.31 -2.12
CA PHE A 108 17.33 -4.50 -3.03
C PHE A 108 17.18 -3.68 -4.29
N HIS A 109 18.32 -3.27 -4.84
CA HIS A 109 18.32 -2.65 -6.14
C HIS A 109 19.41 -3.34 -6.96
N GLY A 110 19.07 -3.69 -8.20
CA GLY A 110 20.07 -4.12 -9.15
C GLY A 110 20.02 -3.28 -10.40
N SER A 111 21.20 -2.90 -10.88
CA SER A 111 21.35 -2.25 -12.18
C SER A 111 22.85 -2.27 -12.52
N PRO A 112 23.19 -2.01 -13.80
CA PRO A 112 24.61 -1.90 -14.15
C PRO A 112 25.31 -0.66 -13.57
N PHE A 113 24.60 0.17 -12.83
CA PHE A 113 25.11 1.49 -12.46
C PHE A 113 25.35 1.73 -10.97
N VAL A 114 25.54 0.64 -10.25
CA VAL A 114 25.83 0.65 -8.81
C VAL A 114 27.01 1.57 -8.42
N ASN A 115 28.07 1.55 -9.23
CA ASN A 115 29.23 2.39 -8.95
C ASN A 115 28.88 3.88 -8.98
N ALA A 116 28.05 4.28 -9.95
CA ALA A 116 27.63 5.67 -10.05
C ALA A 116 26.72 6.07 -8.89
N ILE A 117 25.79 5.18 -8.53
CA ILE A 117 24.83 5.42 -7.43
C ILE A 117 25.49 5.60 -6.05
N ILE A 118 26.48 4.78 -5.72
CA ILE A 118 27.11 4.91 -4.39
C ILE A 118 27.86 6.23 -4.22
N HIS A 119 28.23 6.83 -5.32
CA HIS A 119 28.92 8.09 -5.29
C HIS A 119 27.99 9.29 -5.47
N LYS A 120 26.99 9.17 -6.31
CA LYS A 120 26.15 10.34 -6.64
C LYS A 120 24.71 10.23 -6.13
N GLY A 121 24.35 9.08 -5.57
CA GLY A 121 22.98 8.81 -5.11
C GLY A 121 22.14 8.29 -6.26
N PHE A 122 20.90 7.89 -5.97
CA PHE A 122 19.96 7.53 -7.04
C PHE A 122 19.53 8.78 -7.80
N ASP A 123 19.22 8.62 -9.08
CA ASP A 123 18.96 9.77 -9.95
C ASP A 123 17.92 9.35 -10.99
N GLU A 124 16.69 9.84 -10.82
CA GLU A 124 15.58 9.49 -11.71
C GLU A 124 15.78 9.99 -13.14
N ARG A 125 16.69 10.95 -13.34
CA ARG A 125 16.96 11.45 -14.69
C ARG A 125 17.49 10.36 -15.61
N HIS A 126 18.06 9.31 -15.02
CA HIS A 126 18.56 8.16 -15.78
C HIS A 126 17.55 7.02 -15.91
N ALA A 127 16.31 7.21 -15.45
CA ALA A 127 15.33 6.11 -15.52
C ALA A 127 14.81 5.89 -16.94
N TYR A 128 14.47 4.64 -17.26
CA TYR A 128 14.00 4.23 -18.58
C TYR A 128 12.50 4.49 -18.74
N ILE A 129 12.14 5.33 -19.71
CA ILE A 129 10.73 5.70 -19.96
C ILE A 129 9.83 4.48 -20.25
N GLY A 130 10.40 3.45 -20.90
CA GLY A 130 9.66 2.24 -21.27
C GLY A 130 9.60 1.20 -20.16
N GLY A 131 10.03 1.57 -18.96
CA GLY A 131 9.90 0.71 -17.80
C GLY A 131 8.46 0.28 -17.56
N MET A 132 8.31 -0.97 -17.13
CA MET A 132 7.00 -1.57 -16.78
C MET A 132 6.10 -0.60 -16.00
N PHE A 133 6.70 0.16 -15.09
CA PHE A 133 5.98 1.12 -14.27
C PHE A 133 6.51 2.53 -14.52
N GLY A 134 7.06 2.73 -15.72
CA GLY A 134 7.49 4.03 -16.17
C GLY A 134 8.88 4.44 -15.73
N ALA A 135 9.17 5.73 -15.88
CA ALA A 135 10.50 6.28 -15.65
C ALA A 135 10.74 6.44 -14.14
N GLY A 136 10.93 5.31 -13.48
CA GLY A 136 11.31 5.31 -12.06
C GLY A 136 12.54 4.44 -11.79
N ILE A 137 12.94 4.41 -10.52
CA ILE A 137 14.03 3.55 -10.05
C ILE A 137 13.38 2.35 -9.34
N TYR A 138 13.81 1.15 -9.71
CA TYR A 138 13.16 -0.08 -9.31
C TYR A 138 13.88 -0.76 -8.16
N PHE A 139 13.08 -1.28 -7.24
CA PHE A 139 13.56 -1.98 -6.06
C PHE A 139 12.77 -3.28 -5.91
N ALA A 140 13.30 -4.23 -5.14
CA ALA A 140 12.60 -5.49 -4.88
C ALA A 140 12.81 -5.95 -3.45
N GLU A 141 11.86 -6.70 -2.92
CA GLU A 141 12.06 -7.31 -1.61
C GLU A 141 12.68 -8.70 -1.72
N ASN A 142 12.77 -9.22 -2.94
CA ASN A 142 13.49 -10.46 -3.20
C ASN A 142 14.80 -10.19 -3.91
N SER A 143 15.91 -10.53 -3.27
CA SER A 143 17.24 -10.32 -3.83
C SER A 143 17.36 -10.88 -5.25
N SER A 144 16.74 -12.02 -5.47
CA SER A 144 16.82 -12.66 -6.77
C SER A 144 16.11 -11.89 -7.87
N LYS A 145 15.16 -11.06 -7.49
CA LYS A 145 14.47 -10.25 -8.47
C LYS A 145 15.42 -9.15 -8.95
N SER A 146 16.02 -8.45 -7.99
CA SER A 146 17.01 -7.41 -8.31
C SER A 146 18.19 -7.98 -9.09
N ASN A 147 18.56 -9.22 -8.78
CA ASN A 147 19.63 -9.91 -9.52
C ASN A 147 19.33 -9.99 -11.02
N GLN A 148 18.08 -9.99 -11.38
CA GLN A 148 17.69 -10.05 -12.76
C GLN A 148 18.05 -8.79 -13.55
N TYR A 149 18.30 -7.70 -12.85
CA TYR A 149 18.58 -6.40 -13.45
C TYR A 149 20.05 -5.97 -13.39
N VAL A 150 20.88 -6.79 -12.76
CA VAL A 150 22.30 -6.46 -12.56
C VAL A 150 23.03 -6.20 -13.88
N TYR A 151 22.75 -7.01 -14.89
CA TYR A 151 23.38 -6.79 -16.19
C TYR A 151 22.47 -6.05 -17.18
N GLY A 152 21.37 -5.50 -16.68
CA GLY A 152 20.45 -4.71 -17.53
C GLY A 152 19.03 -5.22 -17.51
N ILE A 153 18.13 -4.52 -18.23
CA ILE A 153 16.73 -4.98 -18.37
C ILE A 153 16.72 -6.37 -18.99
N GLY A 154 16.03 -7.29 -18.33
CA GLY A 154 15.98 -8.70 -18.76
C GLY A 154 17.31 -9.42 -18.63
N GLY A 155 18.20 -8.90 -17.78
CA GLY A 155 19.58 -9.38 -17.69
C GLY A 155 20.44 -8.89 -18.84
N GLY A 156 19.89 -8.00 -19.66
CA GLY A 156 20.58 -7.49 -20.86
C GLY A 156 21.29 -8.58 -21.64
N THR A 157 22.59 -8.43 -21.80
CA THR A 157 23.39 -9.41 -22.54
C THR A 157 24.30 -10.29 -21.62
N GLY A 158 24.04 -10.22 -20.31
CA GLY A 158 24.79 -10.99 -19.33
C GLY A 158 26.11 -10.35 -18.96
N CYS A 159 27.00 -11.13 -18.35
CA CYS A 159 28.27 -10.59 -17.87
C CYS A 159 29.08 -10.01 -19.02
N PRO A 160 29.89 -8.96 -18.77
CA PRO A 160 30.64 -8.41 -19.92
C PRO A 160 31.66 -9.41 -20.53
N VAL A 161 32.36 -10.17 -19.68
CA VAL A 161 33.41 -11.12 -20.12
C VAL A 161 32.89 -12.34 -20.89
N HIS A 162 31.78 -12.93 -20.48
CA HIS A 162 31.30 -14.12 -21.14
C HIS A 162 29.99 -14.02 -21.85
N LYS A 163 29.37 -12.87 -21.79
CA LYS A 163 28.00 -12.68 -22.31
C LYS A 163 27.05 -13.77 -21.80
N ASP A 164 27.13 -14.07 -20.51
CA ASP A 164 26.39 -15.18 -19.91
C ASP A 164 25.53 -14.63 -18.78
N ARG A 165 24.22 -14.66 -18.96
CA ARG A 165 23.31 -14.20 -17.92
C ARG A 165 23.30 -15.11 -16.69
N SER A 166 23.67 -16.38 -16.87
CA SER A 166 23.79 -17.30 -15.75
C SER A 166 25.25 -17.53 -15.33
N CYS A 167 26.11 -16.53 -15.59
CA CYS A 167 27.53 -16.66 -15.28
C CYS A 167 27.80 -16.91 -13.80
N TYR A 168 28.53 -17.99 -13.52
CA TYR A 168 28.89 -18.37 -12.16
C TYR A 168 30.26 -17.84 -11.78
N ILE A 169 30.98 -17.38 -12.80
CA ILE A 169 32.37 -16.93 -12.64
C ILE A 169 32.44 -15.46 -12.23
N CYS A 170 31.77 -14.60 -13.00
CA CYS A 170 31.90 -13.15 -12.80
C CYS A 170 31.20 -12.70 -11.51
N HIS A 171 31.82 -11.75 -10.83
CA HIS A 171 31.29 -11.20 -9.58
C HIS A 171 30.24 -10.12 -9.88
N ARG A 172 29.10 -10.21 -9.21
CA ARG A 172 28.00 -9.26 -9.38
C ARG A 172 27.95 -8.34 -8.16
N GLN A 173 27.24 -7.21 -8.27
CA GLN A 173 27.02 -6.33 -7.13
C GLN A 173 25.56 -5.90 -7.06
N LEU A 174 24.96 -5.94 -5.88
CA LEU A 174 23.61 -5.43 -5.61
C LEU A 174 23.73 -4.38 -4.53
N LEU A 175 22.75 -3.50 -4.49
CA LEU A 175 22.60 -2.58 -3.36
C LEU A 175 21.45 -3.04 -2.49
N PHE A 176 21.60 -2.88 -1.16
CA PHE A 176 20.52 -3.10 -0.22
C PHE A 176 20.29 -1.75 0.42
N CYS A 177 19.10 -1.21 0.18
CA CYS A 177 18.86 0.23 0.28
C CYS A 177 17.75 0.56 1.25
N ARG A 178 17.86 1.73 1.87
CA ARG A 178 16.76 2.25 2.65
C ARG A 178 15.84 3.08 1.73
N VAL A 179 14.56 2.70 1.67
CA VAL A 179 13.67 3.30 0.70
C VAL A 179 12.41 3.85 1.37
N THR A 180 12.12 5.12 1.12
CA THR A 180 10.89 5.75 1.57
C THR A 180 9.81 5.53 0.51
N LEU A 181 8.78 4.76 0.88
CA LEU A 181 7.67 4.45 -0.04
C LEU A 181 6.48 5.40 0.11
N GLY A 182 6.34 5.94 1.32
CA GLY A 182 5.20 6.80 1.66
C GLY A 182 3.87 6.14 1.32
N LYS A 183 2.96 6.91 0.73
CA LYS A 183 1.70 6.35 0.25
C LYS A 183 1.94 5.76 -1.13
N SER A 184 1.98 4.43 -1.20
CA SER A 184 2.34 3.74 -2.43
C SER A 184 1.11 3.44 -3.27
N PHE A 185 1.18 3.74 -4.56
CA PHE A 185 0.06 3.46 -5.46
C PHE A 185 0.20 2.05 -5.99
N LEU A 186 -0.84 1.24 -5.84
CA LEU A 186 -0.78 -0.14 -6.32
C LEU A 186 -1.12 -0.19 -7.80
N GLN A 187 -0.37 -0.97 -8.54
CA GLN A 187 -0.55 -1.08 -9.95
C GLN A 187 -0.22 -2.46 -10.48
N PHE A 188 -0.82 -2.84 -11.58
CA PHE A 188 -0.46 -4.08 -12.25
C PHE A 188 0.30 -3.77 -13.54
N SER A 189 0.98 -4.76 -14.05
CA SER A 189 1.58 -4.66 -15.37
C SER A 189 0.65 -5.32 -16.39
N MET A 193 4.34 6.50 -17.06
CA MET A 193 4.22 7.30 -15.87
C MET A 193 5.58 7.86 -15.49
N ALA A 194 5.65 9.11 -15.11
CA ALA A 194 6.92 9.78 -14.79
C ALA A 194 7.08 10.23 -13.35
N HIS A 195 5.98 10.39 -12.65
CA HIS A 195 6.00 10.70 -11.21
C HIS A 195 4.97 9.80 -10.57
N SER A 196 4.94 9.75 -9.23
CA SER A 196 3.89 9.07 -8.52
C SER A 196 2.57 9.75 -8.84
N PRO A 197 1.43 9.01 -8.75
CA PRO A 197 0.13 9.71 -8.89
C PRO A 197 -0.06 10.75 -7.81
N PRO A 198 -0.95 11.74 -8.03
CA PRO A 198 -1.18 12.75 -7.01
C PRO A 198 -1.46 12.12 -5.65
N GLY A 199 -0.91 12.74 -4.61
CA GLY A 199 -1.06 12.27 -3.24
C GLY A 199 -0.28 11.03 -2.86
N HIS A 200 0.48 10.46 -3.81
CA HIS A 200 1.28 9.25 -3.57
C HIS A 200 2.78 9.52 -3.68
N HIS A 201 3.59 8.60 -3.20
CA HIS A 201 5.04 8.79 -3.19
C HIS A 201 5.84 7.68 -3.80
N SER A 202 5.15 6.64 -4.25
CA SER A 202 5.76 5.50 -4.91
C SER A 202 4.69 4.65 -5.59
N VAL A 203 5.14 3.66 -6.35
CA VAL A 203 4.28 2.67 -6.96
C VAL A 203 4.71 1.28 -6.47
N THR A 204 3.75 0.47 -6.03
CA THR A 204 3.99 -0.94 -5.71
C THR A 204 3.33 -1.77 -6.81
N GLY A 205 4.14 -2.47 -7.59
CA GLY A 205 3.61 -3.27 -8.69
C GLY A 205 3.67 -4.76 -8.38
N ARG A 206 2.71 -5.50 -8.93
CA ARG A 206 2.74 -6.96 -8.90
C ARG A 206 2.42 -7.53 -10.29
N PRO A 207 3.44 -7.63 -11.16
CA PRO A 207 3.27 -8.04 -12.57
C PRO A 207 2.75 -9.48 -12.76
N LEU A 212 3.61 -16.96 -10.75
CA LEU A 212 4.30 -16.30 -9.64
C LEU A 212 4.46 -14.79 -9.89
N ALA A 213 3.91 -13.98 -8.99
CA ALA A 213 3.97 -12.53 -9.11
C ALA A 213 4.64 -11.93 -7.88
N LEU A 214 5.88 -11.49 -8.05
CA LEU A 214 6.63 -10.89 -6.97
C LEU A 214 6.44 -9.38 -6.97
N ALA A 215 6.58 -8.77 -5.81
CA ALA A 215 6.38 -7.33 -5.65
C ALA A 215 7.58 -6.55 -6.18
N GLU A 216 7.31 -5.48 -6.92
CA GLU A 216 8.34 -4.52 -7.31
C GLU A 216 7.94 -3.13 -6.84
N TYR A 217 8.94 -2.37 -6.38
CA TYR A 217 8.69 -1.03 -5.83
C TYR A 217 9.42 0.02 -6.66
N VAL A 218 8.71 1.09 -7.00
CA VAL A 218 9.26 2.09 -7.91
C VAL A 218 9.16 3.46 -7.29
N ILE A 219 10.28 4.17 -7.28
CA ILE A 219 10.27 5.58 -6.85
C ILE A 219 10.62 6.49 -8.02
N TYR A 220 10.15 7.73 -8.00
CA TYR A 220 10.35 8.63 -9.13
C TYR A 220 11.21 9.83 -8.76
N ARG A 221 11.73 9.78 -7.54
CA ARG A 221 12.65 10.78 -7.03
C ARG A 221 13.81 10.01 -6.38
N GLY A 222 15.03 10.30 -6.84
CA GLY A 222 16.22 9.56 -6.43
C GLY A 222 16.53 9.70 -4.96
N GLU A 223 16.22 10.87 -4.40
CA GLU A 223 16.47 11.13 -2.97
C GLU A 223 15.57 10.34 -1.98
N GLN A 224 14.58 9.61 -2.49
CA GLN A 224 13.78 8.70 -1.66
C GLN A 224 14.41 7.34 -1.34
N ALA A 225 15.66 7.14 -1.76
CA ALA A 225 16.37 5.93 -1.43
C ALA A 225 17.78 6.28 -1.04
N TYR A 226 18.31 5.57 -0.05
CA TYR A 226 19.71 5.74 0.35
C TYR A 226 20.43 4.39 0.15
N PRO A 227 21.50 4.35 -0.68
CA PRO A 227 22.15 3.07 -1.00
C PRO A 227 23.02 2.58 0.16
N GLU A 228 22.43 1.83 1.09
CA GLU A 228 23.07 1.58 2.37
C GLU A 228 24.19 0.51 2.39
N TYR A 229 24.04 -0.56 1.61
CA TYR A 229 25.02 -1.65 1.57
C TYR A 229 25.36 -2.01 0.15
N LEU A 230 26.64 -2.19 -0.11
CA LEU A 230 27.10 -2.65 -1.41
C LEU A 230 27.48 -4.12 -1.22
N ILE A 231 26.83 -5.02 -1.97
CA ILE A 231 27.05 -6.47 -1.82
C ILE A 231 27.71 -7.04 -3.07
N THR A 232 28.87 -7.67 -2.89
CA THR A 232 29.61 -8.32 -3.99
C THR A 232 29.40 -9.80 -3.80
N TYR A 233 28.99 -10.50 -4.85
CA TYR A 233 28.55 -11.89 -4.73
C TYR A 233 28.63 -12.63 -6.07
N GLN A 234 28.50 -13.96 -6.01
CA GLN A 234 28.26 -14.75 -7.21
C GLN A 234 26.97 -15.50 -7.02
N ILE A 235 26.25 -15.78 -8.10
CA ILE A 235 25.22 -16.80 -8.00
C ILE A 235 25.95 -18.16 -7.92
N MET A 236 25.44 -19.08 -7.17
CA MET A 236 26.06 -20.37 -7.07
C MET A 236 25.44 -21.39 -8.00
N ARG A 237 26.28 -22.19 -8.62
CA ARG A 237 25.81 -23.30 -9.44
C ARG A 237 25.15 -24.35 -8.53
N PRO A 238 23.90 -24.72 -8.82
CA PRO A 238 23.20 -25.72 -8.00
C PRO A 238 23.82 -27.11 -8.14
N GLU A 239 23.82 -27.87 -7.05
CA GLU A 239 24.05 -29.32 -7.02
C GLU A 239 23.93 -29.95 -5.64
N GLY B 30 -21.74 -1.45 25.37
CA GLY B 30 -20.84 -0.44 25.98
C GLY B 30 -20.67 0.83 25.14
N THR B 31 -21.39 0.93 24.03
CA THR B 31 -21.20 2.06 23.12
C THR B 31 -21.89 3.30 23.64
N ILE B 32 -21.18 4.43 23.67
CA ILE B 32 -21.89 5.69 23.83
C ILE B 32 -21.66 6.62 22.64
N LEU B 33 -22.71 7.33 22.28
CA LEU B 33 -22.67 8.24 21.15
C LEU B 33 -22.64 9.67 21.69
N ILE B 34 -21.60 10.41 21.29
CA ILE B 34 -21.46 11.81 21.65
C ILE B 34 -21.91 12.69 20.50
N ASP B 35 -22.98 13.44 20.71
CA ASP B 35 -23.54 14.25 19.65
C ASP B 35 -22.71 15.51 19.49
N LEU B 36 -22.25 15.79 18.27
CA LEU B 36 -21.41 16.95 18.01
C LEU B 36 -22.21 18.14 17.48
N SER B 37 -21.91 19.33 18.02
CA SER B 37 -22.52 20.57 17.53
C SER B 37 -22.11 20.91 16.10
N PRO B 38 -23.05 21.42 15.28
CA PRO B 38 -22.60 21.84 13.93
C PRO B 38 -21.53 22.95 13.90
N ASP B 39 -21.38 23.69 15.00
CA ASP B 39 -20.32 24.70 15.11
C ASP B 39 -18.96 24.13 15.53
N ASP B 40 -18.95 22.85 15.92
CA ASP B 40 -17.72 22.18 16.37
C ASP B 40 -16.83 21.90 15.14
N LYS B 41 -15.54 22.24 15.23
CA LYS B 41 -14.62 22.00 14.09
C LYS B 41 -14.51 20.51 13.71
N GLU B 42 -14.74 19.63 14.69
CA GLU B 42 -14.73 18.18 14.45
C GLU B 42 -15.91 17.78 13.58
N PHE B 43 -17.08 18.33 13.90
CA PHE B 43 -18.27 18.17 13.09
C PHE B 43 -17.99 18.65 11.67
N GLN B 44 -17.39 19.83 11.58
CA GLN B 44 -17.15 20.49 10.30
C GLN B 44 -16.15 19.73 9.44
N SER B 45 -15.19 19.16 10.07
CA SER B 45 -14.25 18.39 9.38
C SER B 45 -14.90 17.14 8.69
N VAL B 46 -15.68 16.38 9.45
CA VAL B 46 -16.35 15.18 8.95
C VAL B 46 -17.38 15.55 7.90
N GLU B 47 -18.13 16.63 8.15
CA GLU B 47 -19.12 17.15 7.21
C GLU B 47 -18.49 17.53 5.86
N GLU B 48 -17.35 18.23 5.90
CA GLU B 48 -16.64 18.62 4.69
C GLU B 48 -16.10 17.41 3.92
N GLU B 49 -15.68 16.38 4.65
CA GLU B 49 -15.22 15.13 4.05
C GLU B 49 -16.34 14.44 3.28
N MET B 50 -17.54 14.38 3.89
CA MET B 50 -18.77 13.92 3.24
C MET B 50 -19.05 14.66 1.95
N GLN B 51 -19.19 15.98 2.06
CA GLN B 51 -19.59 16.83 0.91
C GLN B 51 -18.58 16.83 -0.22
N SER B 52 -17.29 16.95 0.10
CA SER B 52 -16.27 17.14 -0.93
C SER B 52 -15.87 15.84 -1.64
N THR B 53 -16.30 14.69 -1.13
CA THR B 53 -15.95 13.41 -1.74
C THR B 53 -17.10 12.84 -2.60
N VAL B 54 -18.16 13.62 -2.79
CA VAL B 54 -19.27 13.25 -3.68
C VAL B 54 -18.79 13.24 -5.13
N ARG B 55 -19.10 12.18 -5.86
CA ARG B 55 -18.71 12.06 -7.26
C ARG B 55 -19.91 11.64 -8.08
N GLU B 56 -19.81 11.81 -9.39
CA GLU B 56 -20.78 11.20 -10.30
C GLU B 56 -20.40 9.74 -10.43
N HIS B 57 -21.39 8.88 -10.46
CA HIS B 57 -21.09 7.47 -10.57
C HIS B 57 -21.46 6.95 -11.96
N ARG B 58 -20.78 5.92 -12.43
CA ARG B 58 -21.02 5.36 -13.75
C ARG B 58 -22.43 4.77 -13.93
N ASP B 59 -23.15 4.51 -12.82
CA ASP B 59 -24.52 4.00 -12.91
C ASP B 59 -25.56 5.12 -13.00
N GLY B 60 -25.10 6.35 -13.26
CA GLY B 60 -25.97 7.51 -13.42
C GLY B 60 -26.79 7.90 -12.21
N GLY B 61 -26.54 7.25 -11.06
CA GLY B 61 -27.30 7.48 -9.83
C GLY B 61 -28.28 6.36 -9.49
N HIS B 62 -28.23 5.27 -10.25
CA HIS B 62 -29.18 4.17 -10.09
C HIS B 62 -29.21 3.55 -8.68
N ALA B 63 -28.03 3.28 -8.12
CA ALA B 63 -27.94 2.64 -6.81
C ALA B 63 -28.17 3.62 -5.66
N GLY B 64 -27.50 4.77 -5.69
CA GLY B 64 -27.46 5.70 -4.55
C GLY B 64 -28.37 6.91 -4.65
N GLY B 65 -28.92 7.13 -5.85
CA GLY B 65 -29.81 8.27 -6.08
C GLY B 65 -29.11 9.38 -6.84
N ILE B 66 -29.87 10.41 -7.19
CA ILE B 66 -29.35 11.54 -7.97
C ILE B 66 -29.22 12.77 -7.08
N PHE B 67 -28.00 13.23 -6.90
CA PHE B 67 -27.68 14.30 -5.98
C PHE B 67 -26.26 14.77 -6.25
N ASN B 68 -25.95 16.00 -5.86
CA ASN B 68 -24.56 16.43 -5.85
C ASN B 68 -24.13 16.94 -4.47
N ARG B 69 -25.06 16.86 -3.52
CA ARG B 69 -24.83 17.37 -2.18
C ARG B 69 -25.71 16.61 -1.18
N TYR B 70 -25.36 16.67 0.10
CA TYR B 70 -26.16 16.10 1.18
C TYR B 70 -26.77 17.16 2.10
N ASN B 71 -27.85 16.79 2.79
CA ASN B 71 -28.32 17.50 3.98
C ASN B 71 -27.75 16.76 5.22
N ILE B 72 -26.71 17.32 5.83
CA ILE B 72 -26.04 16.65 6.96
C ILE B 72 -26.77 17.03 8.24
N LEU B 73 -27.37 16.03 8.89
CA LEU B 73 -28.32 16.27 9.97
C LEU B 73 -27.72 16.07 11.35
N LYS B 74 -26.87 15.05 11.47
CA LYS B 74 -26.29 14.69 12.75
C LYS B 74 -24.96 13.99 12.54
N ILE B 75 -24.02 14.26 13.43
CA ILE B 75 -22.74 13.56 13.43
C ILE B 75 -22.43 13.24 14.88
N GLN B 76 -22.32 11.95 15.17
CA GLN B 76 -22.04 11.48 16.52
C GLN B 76 -20.72 10.75 16.55
N LYS B 77 -19.90 11.07 17.53
CA LYS B 77 -18.66 10.31 17.76
C LYS B 77 -19.05 9.02 18.47
N VAL B 78 -18.50 7.88 18.02
CA VAL B 78 -18.84 6.57 18.57
C VAL B 78 -17.75 6.15 19.55
N CYS B 79 -18.14 5.93 20.80
CA CYS B 79 -17.20 5.63 21.87
CA CYS B 79 -17.19 5.63 21.87
C CYS B 79 -17.45 4.25 22.48
N ASN B 80 -16.57 3.31 22.19
CA ASN B 80 -16.65 1.97 22.77
C ASN B 80 -15.25 1.49 23.08
N LYS B 81 -14.97 1.36 24.37
CA LYS B 81 -13.66 0.94 24.90
C LYS B 81 -13.26 -0.44 24.39
N LYS B 82 -14.22 -1.36 24.35
CA LYS B 82 -13.93 -2.74 24.00
C LYS B 82 -13.57 -2.84 22.52
N LEU B 83 -14.33 -2.14 21.70
CA LEU B 83 -14.12 -2.15 20.25
C LEU B 83 -12.84 -1.43 19.88
N TRP B 84 -12.53 -0.34 20.59
CA TRP B 84 -11.28 0.36 20.37
C TRP B 84 -10.06 -0.52 20.69
N GLU B 85 -10.09 -1.23 21.82
CA GLU B 85 -9.00 -2.14 22.18
C GLU B 85 -8.79 -3.25 21.15
N ARG B 86 -9.89 -3.81 20.68
CA ARG B 86 -9.87 -4.86 19.69
C ARG B 86 -9.25 -4.33 18.38
N TYR B 87 -9.62 -3.11 18.00
CA TYR B 87 -9.01 -2.44 16.86
C TYR B 87 -7.50 -2.23 17.01
N THR B 88 -7.06 -1.65 18.13
CA THR B 88 -5.65 -1.36 18.30
C THR B 88 -4.80 -2.62 18.44
N HIS B 89 -5.34 -3.68 19.03
CA HIS B 89 -4.63 -4.94 19.13
C HIS B 89 -4.35 -5.50 17.73
N ARG B 90 -5.37 -5.48 16.86
CA ARG B 90 -5.18 -5.96 15.50
C ARG B 90 -4.20 -5.08 14.70
N ARG B 91 -4.33 -3.77 14.90
CA ARG B 91 -3.48 -2.81 14.20
C ARG B 91 -2.00 -3.06 14.51
N LYS B 92 -1.68 -3.35 15.77
CA LYS B 92 -0.31 -3.67 16.18
C LYS B 92 0.17 -4.96 15.50
N GLU B 93 -0.71 -5.95 15.46
CA GLU B 93 -0.43 -7.22 14.83
C GLU B 93 -0.17 -7.02 13.32
N VAL B 94 -1.05 -6.27 12.65
CA VAL B 94 -0.85 -5.92 11.23
C VAL B 94 0.46 -5.10 11.01
N SER B 95 0.69 -4.10 11.85
CA SER B 95 1.90 -3.29 11.77
CA SER B 95 1.91 -3.30 11.77
C SER B 95 3.15 -4.18 11.81
N GLU B 96 3.23 -5.03 12.83
CA GLU B 96 4.39 -5.90 13.04
C GLU B 96 4.58 -6.87 11.88
N GLU B 97 3.48 -7.18 11.20
CA GLU B 97 3.54 -7.99 10.01
C GLU B 97 3.81 -7.19 8.72
N ASN B 98 3.74 -5.86 8.79
CA ASN B 98 3.89 -5.03 7.58
C ASN B 98 4.98 -3.98 7.74
N HIS B 99 6.15 -4.42 8.19
CA HIS B 99 7.34 -3.57 8.26
C HIS B 99 7.09 -2.34 9.13
N ASN B 100 6.35 -2.56 10.21
CA ASN B 100 5.93 -1.54 11.18
C ASN B 100 5.08 -0.41 10.59
N HIS B 101 4.30 -0.75 9.56
CA HIS B 101 3.40 0.19 8.93
C HIS B 101 1.95 -0.33 8.93
N ALA B 102 1.10 0.33 9.68
CA ALA B 102 -0.32 -0.04 9.76
C ALA B 102 -1.08 0.22 8.46
N ASN B 103 -0.66 1.23 7.70
CA ASN B 103 -1.39 1.70 6.51
C ASN B 103 -2.85 2.01 6.89
N GLU B 104 -3.00 2.85 7.91
CA GLU B 104 -4.30 3.26 8.42
C GLU B 104 -4.91 4.41 7.60
N ARG B 105 -6.23 4.33 7.34
CA ARG B 105 -6.98 5.36 6.59
C ARG B 105 -8.28 5.69 7.31
N MET B 106 -8.82 6.88 7.06
CA MET B 106 -10.19 7.21 7.41
C MET B 106 -11.02 6.97 6.16
N LEU B 107 -12.03 6.10 6.26
CA LEU B 107 -12.85 5.71 5.11
C LEU B 107 -14.32 5.60 5.46
N PHE B 108 -15.18 5.75 4.47
CA PHE B 108 -16.61 5.63 4.69
C PHE B 108 -17.04 4.17 4.62
N HIS B 109 -18.15 3.90 5.27
CA HIS B 109 -18.81 2.62 5.19
C HIS B 109 -20.31 2.81 5.10
N GLY B 110 -20.92 2.21 4.11
CA GLY B 110 -22.37 2.21 4.05
C GLY B 110 -22.89 0.78 3.98
N SER B 111 -23.90 0.50 4.80
CA SER B 111 -24.67 -0.75 4.71
C SER B 111 -25.96 -0.58 5.50
N PRO B 112 -26.92 -1.52 5.37
CA PRO B 112 -28.15 -1.43 6.15
C PRO B 112 -27.97 -1.74 7.64
N PHE B 113 -26.76 -2.09 8.06
CA PHE B 113 -26.55 -2.66 9.38
C PHE B 113 -25.69 -1.79 10.29
N VAL B 114 -25.72 -0.50 10.02
CA VAL B 114 -24.89 0.44 10.74
C VAL B 114 -25.21 0.47 12.23
N ASN B 115 -26.45 0.21 12.61
CA ASN B 115 -26.78 0.19 14.04
C ASN B 115 -26.24 -1.02 14.79
N ALA B 116 -26.21 -2.18 14.17
CA ALA B 116 -25.53 -3.35 14.76
C ALA B 116 -24.01 -3.07 14.90
N ILE B 117 -23.42 -2.53 13.85
CA ILE B 117 -21.98 -2.25 13.84
C ILE B 117 -21.54 -1.33 14.99
N ILE B 118 -22.25 -0.23 15.24
CA ILE B 118 -21.82 0.68 16.32
C ILE B 118 -21.91 0.04 17.71
N HIS B 119 -22.79 -0.95 17.87
CA HIS B 119 -22.92 -1.65 19.13
C HIS B 119 -22.05 -2.90 19.26
N LYS B 120 -21.85 -3.61 18.15
CA LYS B 120 -21.13 -4.88 18.22
C LYS B 120 -19.75 -4.89 17.53
N GLY B 121 -19.39 -3.83 16.82
CA GLY B 121 -18.19 -3.81 15.97
C GLY B 121 -18.50 -4.38 14.60
N PHE B 122 -17.58 -4.21 13.65
CA PHE B 122 -17.71 -4.89 12.38
C PHE B 122 -17.48 -6.38 12.58
N ASP B 123 -18.09 -7.18 11.72
CA ASP B 123 -18.13 -8.63 11.95
C ASP B 123 -18.19 -9.27 10.58
N GLU B 124 -17.06 -9.83 10.16
CA GLU B 124 -16.92 -10.49 8.85
C GLU B 124 -17.81 -11.70 8.62
N ARG B 125 -18.33 -12.29 9.70
CA ARG B 125 -19.23 -13.44 9.60
C ARG B 125 -20.51 -13.08 8.85
N HIS B 126 -20.82 -11.79 8.79
CA HIS B 126 -22.00 -11.33 8.05
C HIS B 126 -21.69 -10.89 6.62
N ALA B 127 -20.44 -11.02 6.18
CA ALA B 127 -20.10 -10.54 4.84
C ALA B 127 -20.63 -11.48 3.75
N TYR B 128 -21.04 -10.92 2.62
CA TYR B 128 -21.65 -11.71 1.54
C TYR B 128 -20.61 -12.54 0.77
N ILE B 129 -20.93 -13.82 0.58
CA ILE B 129 -20.00 -14.80 -0.01
C ILE B 129 -19.58 -14.51 -1.47
N GLY B 130 -20.51 -14.01 -2.28
CA GLY B 130 -20.26 -13.79 -3.70
C GLY B 130 -20.19 -12.34 -4.18
N GLY B 131 -19.92 -11.40 -3.26
CA GLY B 131 -19.74 -9.98 -3.62
C GLY B 131 -18.45 -9.76 -4.41
N MET B 132 -18.41 -8.66 -5.14
CA MET B 132 -17.31 -8.32 -6.06
C MET B 132 -15.88 -8.81 -5.67
N PHE B 133 -15.48 -8.55 -4.45
CA PHE B 133 -14.17 -8.86 -3.97
C PHE B 133 -14.25 -9.90 -2.83
N GLY B 134 -15.39 -10.60 -2.84
CA GLY B 134 -15.67 -11.62 -1.87
C GLY B 134 -16.30 -11.31 -0.54
N ALA B 135 -16.10 -12.24 0.37
CA ALA B 135 -16.67 -12.20 1.68
C ALA B 135 -15.97 -11.23 2.59
N GLY B 136 -16.06 -9.96 2.23
CA GLY B 136 -15.47 -8.91 3.03
C GLY B 136 -16.36 -7.73 3.35
N ILE B 137 -15.85 -6.83 4.16
CA ILE B 137 -16.53 -5.61 4.58
C ILE B 137 -15.97 -4.48 3.76
N TYR B 138 -16.86 -3.78 3.07
CA TYR B 138 -16.44 -2.75 2.10
C TYR B 138 -16.36 -1.36 2.68
N PHE B 139 -15.35 -0.62 2.23
CA PHE B 139 -15.12 0.79 2.58
C PHE B 139 -14.78 1.58 1.31
N ALA B 140 -14.94 2.91 1.37
CA ALA B 140 -14.66 3.79 0.22
C ALA B 140 -14.12 5.15 0.65
N GLU B 141 -13.28 5.75 -0.19
CA GLU B 141 -12.81 7.13 0.03
C GLU B 141 -13.88 8.16 -0.28
N ASN B 142 -14.83 7.82 -1.14
CA ASN B 142 -15.89 8.73 -1.53
C ASN B 142 -17.19 8.39 -0.83
N SER B 143 -17.72 9.35 -0.08
CA SER B 143 -18.97 9.17 0.63
C SER B 143 -20.09 8.70 -0.31
N SER B 144 -20.07 9.22 -1.54
CA SER B 144 -21.09 8.85 -2.51
C SER B 144 -21.00 7.39 -2.95
N LYS B 145 -19.83 6.79 -2.82
CA LYS B 145 -19.70 5.37 -3.16
C LYS B 145 -20.38 4.54 -2.08
N SER B 146 -20.05 4.81 -0.81
CA SER B 146 -20.64 4.13 0.34
C SER B 146 -22.15 4.32 0.43
N ASN B 147 -22.61 5.46 -0.10
CA ASN B 147 -24.05 5.76 -0.14
C ASN B 147 -24.82 4.80 -1.05
N GLN B 148 -24.17 4.29 -2.10
CA GLN B 148 -24.78 3.27 -2.96
C GLN B 148 -25.13 1.98 -2.19
N TYR B 149 -24.55 1.78 -1.00
CA TYR B 149 -24.76 0.54 -0.24
C TYR B 149 -25.65 0.68 0.96
N VAL B 150 -26.00 1.90 1.32
CA VAL B 150 -26.89 2.15 2.47
C VAL B 150 -28.14 1.26 2.50
N TYR B 151 -28.80 1.06 1.35
CA TYR B 151 -30.00 0.20 1.35
C TYR B 151 -29.76 -1.20 0.78
N GLY B 152 -28.49 -1.58 0.65
CA GLY B 152 -28.09 -2.91 0.19
C GLY B 152 -27.17 -2.81 -1.01
N ILE B 153 -26.72 -3.98 -1.49
CA ILE B 153 -25.89 -4.03 -2.70
C ILE B 153 -26.72 -3.52 -3.88
N GLY B 154 -26.12 -2.63 -4.68
CA GLY B 154 -26.84 -1.97 -5.77
C GLY B 154 -27.97 -1.10 -5.28
N GLY B 155 -27.95 -0.73 -4.00
CA GLY B 155 -29.02 0.08 -3.39
C GLY B 155 -30.25 -0.73 -3.00
N GLY B 156 -30.16 -2.05 -3.09
CA GLY B 156 -31.29 -2.93 -2.79
C GLY B 156 -32.59 -2.45 -3.44
N THR B 157 -33.66 -2.40 -2.66
CA THR B 157 -34.94 -1.87 -3.16
C THR B 157 -35.18 -0.44 -2.68
N GLY B 158 -34.09 0.26 -2.34
CA GLY B 158 -34.19 1.63 -1.84
C GLY B 158 -34.70 1.67 -0.41
N CYS B 159 -35.23 2.83 -0.01
CA CYS B 159 -35.66 3.08 1.37
C CYS B 159 -36.80 2.15 1.80
N PRO B 160 -36.87 1.81 3.11
CA PRO B 160 -37.95 0.92 3.55
C PRO B 160 -39.38 1.50 3.40
N VAL B 161 -39.52 2.83 3.48
CA VAL B 161 -40.84 3.47 3.43
C VAL B 161 -41.40 3.66 2.02
N HIS B 162 -40.56 4.02 1.05
CA HIS B 162 -41.01 4.31 -0.27
C HIS B 162 -40.45 3.43 -1.37
N LYS B 163 -39.63 2.49 -1.00
CA LYS B 163 -38.85 1.67 -1.96
C LYS B 163 -38.24 2.52 -3.08
N ASP B 164 -37.60 3.62 -2.69
CA ASP B 164 -37.03 4.60 -3.62
C ASP B 164 -35.53 4.71 -3.36
N ARG B 165 -34.73 4.26 -4.33
CA ARG B 165 -33.27 4.34 -4.19
C ARG B 165 -32.80 5.79 -4.19
N SER B 166 -33.56 6.67 -4.82
CA SER B 166 -33.22 8.09 -4.81
C SER B 166 -34.07 8.93 -3.82
N CYS B 167 -34.59 8.29 -2.77
CA CYS B 167 -35.43 8.96 -1.78
C CYS B 167 -34.73 10.15 -1.12
N TYR B 168 -35.40 11.31 -1.17
CA TYR B 168 -34.89 12.57 -0.59
C TYR B 168 -35.52 12.84 0.78
N ILE B 169 -36.56 12.07 1.08
CA ILE B 169 -37.30 12.18 2.32
C ILE B 169 -36.61 11.41 3.44
N CYS B 170 -36.38 10.11 3.25
CA CYS B 170 -35.89 9.23 4.33
C CYS B 170 -34.46 9.53 4.75
N HIS B 171 -34.17 9.40 6.04
CA HIS B 171 -32.83 9.70 6.55
C HIS B 171 -31.93 8.49 6.44
N ARG B 172 -30.70 8.72 5.98
CA ARG B 172 -29.71 7.67 5.82
C ARG B 172 -28.60 7.81 6.85
N GLN B 173 -27.81 6.75 7.04
CA GLN B 173 -26.67 6.78 7.95
C GLN B 173 -25.46 6.15 7.29
N LEU B 174 -24.31 6.78 7.45
CA LEU B 174 -23.03 6.26 7.00
C LEU B 174 -22.09 6.20 8.19
N LEU B 175 -21.08 5.34 8.12
CA LEU B 175 -20.01 5.42 9.11
C LEU B 175 -18.74 6.01 8.48
N PHE B 176 -18.07 6.86 9.23
CA PHE B 176 -16.73 7.30 8.84
C PHE B 176 -15.77 6.65 9.82
N CYS B 177 -14.90 5.80 9.28
CA CYS B 177 -14.20 4.81 10.10
C CYS B 177 -12.69 4.87 9.98
N ARG B 178 -12.02 4.44 11.05
CA ARG B 178 -10.60 4.23 11.03
C ARG B 178 -10.35 2.80 10.58
N VAL B 179 -9.55 2.63 9.53
CA VAL B 179 -9.42 1.32 8.87
C VAL B 179 -7.95 0.98 8.75
N THR B 180 -7.58 -0.21 9.22
CA THR B 180 -6.20 -0.67 9.05
C THR B 180 -6.13 -1.48 7.75
N LEU B 181 -5.35 -1.01 6.78
CA LEU B 181 -5.23 -1.70 5.50
C LEU B 181 -4.03 -2.66 5.43
N GLY B 182 -2.98 -2.39 6.23
CA GLY B 182 -1.73 -3.15 6.10
C GLY B 182 -1.21 -3.25 4.66
N LYS B 183 -0.68 -4.41 4.29
CA LYS B 183 -0.24 -4.69 2.95
C LYS B 183 -1.47 -5.02 2.15
N SER B 184 -1.89 -4.10 1.28
CA SER B 184 -3.13 -4.29 0.56
C SER B 184 -2.85 -4.97 -0.78
N PHE B 185 -3.80 -5.79 -1.22
CA PHE B 185 -3.66 -6.55 -2.46
C PHE B 185 -4.57 -5.94 -3.53
N LEU B 186 -3.98 -5.60 -4.67
CA LEU B 186 -4.75 -4.97 -5.74
C LEU B 186 -5.61 -6.00 -6.50
N GLN B 187 -6.88 -5.69 -6.68
CA GLN B 187 -7.80 -6.53 -7.41
C GLN B 187 -8.64 -5.76 -8.40
N PHE B 188 -8.90 -6.37 -9.54
CA PHE B 188 -9.75 -5.71 -10.50
C PHE B 188 -11.16 -6.30 -10.62
N SER B 189 -12.14 -5.52 -11.00
CA SER B 189 -13.49 -6.04 -11.24
C SER B 189 -13.60 -6.86 -12.52
N ALA B 190 -14.45 -6.42 -13.43
CA ALA B 190 -14.81 -7.25 -14.53
C ALA B 190 -16.13 -6.71 -15.06
N MET B 193 -13.03 -15.17 -3.12
CA MET B 193 -12.09 -15.30 -2.00
C MET B 193 -12.66 -14.67 -0.73
N ALA B 194 -12.29 -15.20 0.44
CA ALA B 194 -12.87 -14.67 1.68
C ALA B 194 -11.90 -14.38 2.79
N HIS B 195 -10.61 -14.50 2.50
CA HIS B 195 -9.58 -13.93 3.36
C HIS B 195 -8.66 -13.11 2.49
N SER B 196 -7.82 -12.28 3.12
CA SER B 196 -6.74 -11.62 2.39
C SER B 196 -5.83 -12.67 1.78
N PRO B 197 -5.22 -12.37 0.61
CA PRO B 197 -4.15 -13.24 0.10
C PRO B 197 -3.01 -13.41 1.13
N PRO B 198 -2.26 -14.54 1.06
CA PRO B 198 -1.16 -14.72 2.01
C PRO B 198 -0.27 -13.48 2.04
N GLY B 199 0.16 -13.09 3.24
CA GLY B 199 1.06 -11.96 3.41
C GLY B 199 0.35 -10.61 3.41
N HIS B 200 -0.93 -10.60 3.04
CA HIS B 200 -1.68 -9.34 2.90
C HIS B 200 -2.75 -9.16 3.99
N HIS B 201 -3.25 -7.95 4.12
CA HIS B 201 -4.24 -7.66 5.13
C HIS B 201 -5.56 -7.03 4.64
N SER B 202 -5.66 -6.76 3.36
CA SER B 202 -6.84 -6.14 2.77
C SER B 202 -6.75 -6.21 1.26
N VAL B 203 -7.86 -5.84 0.61
CA VAL B 203 -7.90 -5.72 -0.84
C VAL B 203 -8.25 -4.28 -1.22
N THR B 204 -7.50 -3.75 -2.20
CA THR B 204 -7.81 -2.49 -2.89
C THR B 204 -8.46 -2.89 -4.21
N GLY B 205 -9.74 -2.54 -4.36
CA GLY B 205 -10.49 -2.87 -5.58
C GLY B 205 -10.65 -1.66 -6.47
N ARG B 206 -10.36 -1.82 -7.75
CA ARG B 206 -10.54 -0.79 -8.77
C ARG B 206 -11.29 -1.39 -10.00
N PRO B 207 -12.13 -0.62 -10.67
CA PRO B 207 -12.90 -1.18 -11.79
C PRO B 207 -12.26 -0.93 -13.17
N LEU B 214 -12.45 5.39 -8.86
CA LEU B 214 -12.71 5.42 -7.42
C LEU B 214 -12.28 4.08 -6.78
N ALA B 215 -11.50 4.16 -5.71
CA ALA B 215 -11.01 2.95 -5.04
C ALA B 215 -11.98 2.45 -3.96
N GLU B 216 -12.20 1.14 -3.92
CA GLU B 216 -12.92 0.48 -2.84
C GLU B 216 -11.97 -0.38 -2.04
N TYR B 217 -12.14 -0.40 -0.73
CA TYR B 217 -11.27 -1.21 0.12
C TYR B 217 -12.10 -2.30 0.82
N VAL B 218 -11.51 -3.49 0.93
CA VAL B 218 -12.20 -4.63 1.53
C VAL B 218 -11.33 -5.23 2.62
N ILE B 219 -11.90 -5.39 3.81
CA ILE B 219 -11.21 -6.10 4.86
C ILE B 219 -11.98 -7.38 5.16
N TYR B 220 -11.29 -8.35 5.75
CA TYR B 220 -11.82 -9.68 5.97
C TYR B 220 -11.85 -10.01 7.45
N ARG B 221 -11.42 -9.03 8.26
CA ARG B 221 -11.50 -9.14 9.73
C ARG B 221 -12.15 -7.87 10.28
N GLY B 222 -13.23 -8.04 11.04
CA GLY B 222 -14.01 -6.91 11.56
C GLY B 222 -13.20 -6.00 12.50
N GLU B 223 -12.27 -6.60 13.23
CA GLU B 223 -11.45 -5.83 14.20
C GLU B 223 -10.45 -4.89 13.51
N GLN B 224 -10.38 -4.99 12.19
CA GLN B 224 -9.52 -4.16 11.40
C GLN B 224 -10.09 -2.78 11.03
N ALA B 225 -11.28 -2.48 11.53
CA ALA B 225 -11.90 -1.18 11.37
C ALA B 225 -12.55 -0.74 12.67
N TYR B 226 -12.55 0.57 12.92
CA TYR B 226 -13.25 1.12 14.08
C TYR B 226 -14.24 2.16 13.58
N PRO B 227 -15.54 1.96 13.87
CA PRO B 227 -16.58 2.86 13.39
C PRO B 227 -16.62 4.15 14.20
N GLU B 228 -15.87 5.16 13.78
CA GLU B 228 -15.59 6.33 14.61
C GLU B 228 -16.66 7.42 14.62
N TYR B 229 -17.32 7.67 13.48
CA TYR B 229 -18.39 8.65 13.40
C TYR B 229 -19.62 8.06 12.77
N LEU B 230 -20.78 8.39 13.34
CA LEU B 230 -22.06 8.03 12.80
C LEU B 230 -22.68 9.30 12.23
N ILE B 231 -22.98 9.27 10.92
CA ILE B 231 -23.46 10.45 10.20
C ILE B 231 -24.88 10.20 9.70
N THR B 232 -25.82 11.03 10.13
CA THR B 232 -27.20 10.93 9.67
C THR B 232 -27.44 12.05 8.66
N TYR B 233 -27.97 11.71 7.49
CA TYR B 233 -28.04 12.68 6.42
C TYR B 233 -29.17 12.33 5.47
N GLN B 234 -29.53 13.28 4.61
CA GLN B 234 -30.32 12.99 3.41
C GLN B 234 -29.48 13.35 2.19
N ILE B 235 -29.74 12.68 1.06
CA ILE B 235 -29.26 13.22 -0.19
C ILE B 235 -30.17 14.41 -0.53
N MET B 236 -29.60 15.44 -1.13
CA MET B 236 -30.32 16.67 -1.50
C MET B 236 -30.82 16.58 -2.94
N ARG B 237 -32.09 16.93 -3.15
CA ARG B 237 -32.68 16.98 -4.49
C ARG B 237 -32.01 18.11 -5.29
N PRO B 238 -31.48 17.81 -6.49
CA PRO B 238 -30.89 18.91 -7.27
C PRO B 238 -31.95 19.94 -7.72
N GLU B 239 -31.52 21.19 -7.93
CA GLU B 239 -32.41 22.31 -8.26
C GLU B 239 -33.08 22.20 -9.63
#